data_9RQF
#
_entry.id   9RQF
#
_cell.length_a   68.045
_cell.length_b   89.883
_cell.length_c   44.946
_cell.angle_alpha   90.000
_cell.angle_beta   90.000
_cell.angle_gamma   90.000
#
_symmetry.space_group_name_H-M   'P 21 21 2'
#
loop_
_entity.id
_entity.type
_entity.pdbx_description
1 polymer 'FosA family fosfomycin resistance glutathione transferase'
2 non-polymer 'ethyl (E)-3-(4-aminophenyl)prop-2-enoate'
3 non-polymer 1,2-ETHANEDIOL
4 non-polymer 'MANGANESE (II) ION'
5 non-polymer 'DIMETHYL SULFOXIDE'
6 water water
#
_entity_poly.entity_id   1
_entity_poly.type   'polypeptide(L)'
_entity_poly.pdbx_seq_one_letter_code
;MLSGLNHLTLAVSQLAPSVAFYQQLLGMTLHARWDSGAYLSCGDLWLCLSLDPQRRVTPPEESDYTHYAFSISEADFASF
AARLEAAGVAVWKLNRSEGASHYFLDPDGHKLELHVGSLAQRLAACREQPYKGMVFFEQHHHHHH
;
_entity_poly.pdbx_strand_id   A,B
#
loop_
_chem_comp.id
_chem_comp.type
_chem_comp.name
_chem_comp.formula
DMS non-polymer 'DIMETHYL SULFOXIDE' 'C2 H6 O S'
EDO non-polymer 1,2-ETHANEDIOL 'C2 H6 O2'
MN non-polymer 'MANGANESE (II) ION' 'Mn 2'
UID non-polymer 'ethyl (E)-3-(4-aminophenyl)prop-2-enoate' 'C11 H13 N O2'
#
# COMPACT_ATOMS: atom_id res chain seq x y z
N MET A 1 17.23 4.46 -8.78
CA MET A 1 16.54 3.29 -8.20
C MET A 1 15.16 3.67 -7.67
N LEU A 2 14.47 2.71 -7.07
CA LEU A 2 13.19 3.02 -6.44
C LEU A 2 13.45 3.65 -5.09
N SER A 3 12.62 4.63 -4.74
N SER A 3 12.66 4.67 -4.77
CA SER A 3 12.91 5.43 -3.55
CA SER A 3 12.81 5.31 -3.46
C SER A 3 11.82 5.45 -2.49
C SER A 3 11.43 5.69 -2.94
N GLY A 4 10.74 4.72 -2.67
N GLY A 4 10.85 4.82 -2.14
CA GLY A 4 9.71 4.62 -1.66
CA GLY A 4 9.63 5.11 -1.46
C GLY A 4 8.36 4.45 -2.33
C GLY A 4 8.39 4.73 -2.27
N LEU A 5 7.30 4.66 -1.55
CA LEU A 5 5.96 4.51 -2.10
C LEU A 5 5.54 5.89 -2.61
N ASN A 6 5.27 5.97 -3.90
CA ASN A 6 4.76 7.18 -4.51
C ASN A 6 3.31 7.44 -4.13
N HIS A 7 2.47 6.40 -4.21
CA HIS A 7 1.09 6.50 -3.78
C HIS A 7 0.53 5.10 -3.56
N LEU A 8 -0.52 5.06 -2.74
CA LEU A 8 -1.37 3.90 -2.51
C LEU A 8 -2.72 4.19 -3.14
N THR A 9 -3.19 3.33 -4.04
CA THR A 9 -4.50 3.46 -4.62
C THR A 9 -5.37 2.31 -4.16
N LEU A 10 -6.50 2.64 -3.55
CA LEU A 10 -7.50 1.67 -3.12
C LEU A 10 -8.71 1.76 -4.02
N ALA A 11 -9.10 0.64 -4.60
CA ALA A 11 -10.37 0.57 -5.33
C ALA A 11 -11.52 0.57 -4.34
N VAL A 12 -12.54 1.37 -4.59
CA VAL A 12 -13.67 1.48 -3.69
C VAL A 12 -14.96 1.26 -4.48
N SER A 13 -15.97 0.70 -3.81
CA SER A 13 -17.25 0.44 -4.46
C SER A 13 -18.20 1.64 -4.39
N GLN A 14 -18.11 2.45 -3.34
CA GLN A 14 -18.97 3.61 -3.15
C GLN A 14 -18.07 4.76 -2.68
N LEU A 15 -17.94 5.78 -3.52
CA LEU A 15 -16.91 6.78 -3.28
C LEU A 15 -17.18 7.59 -2.01
N ALA A 16 -18.40 8.09 -1.85
CA ALA A 16 -18.66 9.00 -0.74
C ALA A 16 -18.45 8.33 0.63
N PRO A 17 -18.94 7.12 0.88
CA PRO A 17 -18.67 6.49 2.17
C PRO A 17 -17.20 6.23 2.40
N SER A 18 -16.45 5.92 1.34
N SER A 18 -16.46 5.92 1.34
CA SER A 18 -15.01 5.72 1.51
CA SER A 18 -15.02 5.72 1.48
C SER A 18 -14.30 7.03 1.82
C SER A 18 -14.33 7.03 1.85
N VAL A 19 -14.65 8.11 1.12
CA VAL A 19 -14.05 9.40 1.45
C VAL A 19 -14.34 9.73 2.91
N ALA A 20 -15.60 9.53 3.34
CA ALA A 20 -15.96 9.85 4.70
C ALA A 20 -15.15 9.01 5.70
N PHE A 21 -14.93 7.74 5.39
CA PHE A 21 -14.16 6.89 6.29
C PHE A 21 -12.75 7.43 6.46
N TYR A 22 -12.06 7.70 5.36
CA TYR A 22 -10.66 8.11 5.45
C TYR A 22 -10.50 9.54 5.96
N GLN A 23 -11.39 10.43 5.58
CA GLN A 23 -11.31 11.82 5.99
C GLN A 23 -11.93 12.02 7.37
N GLN A 24 -13.21 11.70 7.52
CA GLN A 24 -13.89 12.00 8.78
C GLN A 24 -13.44 11.07 9.91
N LEU A 25 -13.43 9.78 9.68
CA LEU A 25 -13.15 8.85 10.77
C LEU A 25 -11.65 8.74 11.04
N LEU A 26 -10.85 8.59 9.99
CA LEU A 26 -9.40 8.41 10.19
C LEU A 26 -8.64 9.71 10.24
N GLY A 27 -9.25 10.84 9.85
CA GLY A 27 -8.57 12.11 10.00
C GLY A 27 -7.62 12.50 8.90
N MET A 28 -7.63 11.80 7.78
CA MET A 28 -6.73 12.13 6.69
C MET A 28 -7.18 13.43 6.04
N THR A 29 -6.28 14.06 5.30
CA THR A 29 -6.56 15.33 4.67
C THR A 29 -7.11 15.11 3.26
N LEU A 30 -8.31 15.62 2.98
CA LEU A 30 -8.89 15.54 1.65
C LEU A 30 -8.43 16.72 0.80
N HIS A 31 -7.82 16.44 -0.35
CA HIS A 31 -7.34 17.50 -1.24
C HIS A 31 -8.26 17.74 -2.42
N ALA A 32 -8.85 16.70 -2.98
CA ALA A 32 -9.72 16.85 -4.13
C ALA A 32 -10.59 15.61 -4.24
N ARG A 33 -11.75 15.79 -4.86
N ARG A 33 -11.76 15.79 -4.82
CA ARG A 33 -12.72 14.72 -5.09
CA ARG A 33 -12.60 14.65 -5.17
C ARG A 33 -13.39 14.97 -6.43
C ARG A 33 -13.23 14.96 -6.51
N TRP A 34 -13.62 13.91 -7.21
CA TRP A 34 -14.27 14.04 -8.50
C TRP A 34 -15.23 12.88 -8.66
N ASP A 35 -15.87 12.78 -9.82
CA ASP A 35 -16.95 11.81 -9.91
C ASP A 35 -16.47 10.38 -9.73
N SER A 36 -15.19 10.11 -9.98
N SER A 36 -15.20 10.08 -9.98
CA SER A 36 -14.66 8.76 -9.96
CA SER A 36 -14.73 8.70 -9.84
C SER A 36 -13.49 8.55 -8.99
C SER A 36 -13.47 8.58 -9.02
N GLY A 37 -13.19 9.50 -8.11
CA GLY A 37 -12.09 9.28 -7.18
C GLY A 37 -11.88 10.42 -6.22
N ALA A 38 -10.87 10.24 -5.39
CA ALA A 38 -10.47 11.27 -4.46
C ALA A 38 -8.98 11.15 -4.19
N TYR A 39 -8.36 12.27 -3.86
CA TYR A 39 -6.98 12.34 -3.40
C TYR A 39 -6.93 12.83 -1.96
N LEU A 40 -6.26 12.06 -1.10
CA LEU A 40 -6.04 12.39 0.30
C LEU A 40 -4.57 12.26 0.63
N SER A 41 -4.17 12.89 1.73
CA SER A 41 -2.85 12.65 2.27
C SER A 41 -2.95 12.27 3.73
N CYS A 42 -1.96 11.53 4.17
CA CYS A 42 -1.80 11.12 5.56
C CYS A 42 -0.30 11.32 5.83
N GLY A 43 0.07 12.43 6.44
CA GLY A 43 1.48 12.76 6.48
C GLY A 43 1.99 12.86 5.05
N ASP A 44 3.06 12.13 4.77
N ASP A 44 3.06 12.13 4.77
CA ASP A 44 3.66 12.13 3.44
CA ASP A 44 3.66 12.11 3.45
C ASP A 44 2.95 11.16 2.49
C ASP A 44 3.05 11.06 2.52
N LEU A 45 2.07 10.29 2.98
CA LEU A 45 1.39 9.34 2.10
C LEU A 45 0.37 10.03 1.21
N TRP A 46 0.49 9.78 -0.09
CA TRP A 46 -0.54 10.09 -1.07
C TRP A 46 -1.45 8.88 -1.22
N LEU A 47 -2.70 9.04 -0.81
CA LEU A 47 -3.74 8.04 -0.93
C LEU A 47 -4.72 8.44 -2.03
N CYS A 48 -4.98 7.51 -2.94
N CYS A 48 -4.97 7.53 -2.96
CA CYS A 48 -5.97 7.67 -3.98
CA CYS A 48 -5.99 7.72 -3.97
C CYS A 48 -7.09 6.68 -3.67
C CYS A 48 -7.09 6.69 -3.75
N LEU A 49 -8.34 7.16 -3.67
CA LEU A 49 -9.51 6.29 -3.67
C LEU A 49 -10.05 6.34 -5.09
N SER A 50 -10.18 5.17 -5.70
CA SER A 50 -10.60 5.09 -7.10
C SER A 50 -11.90 4.30 -7.19
N LEU A 51 -12.97 4.95 -7.68
CA LEU A 51 -14.23 4.25 -7.83
C LEU A 51 -14.09 3.14 -8.87
N ASP A 52 -14.37 1.92 -8.49
CA ASP A 52 -14.15 0.80 -9.39
C ASP A 52 -15.37 -0.11 -9.32
N PRO A 53 -16.14 -0.26 -10.39
CA PRO A 53 -17.27 -1.18 -10.35
C PRO A 53 -16.87 -2.62 -10.10
N GLN A 54 -15.59 -2.95 -10.25
N GLN A 54 -15.60 -2.97 -10.23
CA GLN A 54 -15.13 -4.31 -9.94
CA GLN A 54 -15.15 -4.33 -9.94
C GLN A 54 -14.90 -4.54 -8.45
C GLN A 54 -14.72 -4.53 -8.49
N ARG A 55 -14.73 -3.49 -7.64
CA ARG A 55 -14.50 -3.71 -6.21
C ARG A 55 -15.68 -4.36 -5.53
N ARG A 56 -15.40 -5.43 -4.80
CA ARG A 56 -16.40 -6.08 -3.98
C ARG A 56 -16.14 -5.84 -2.51
N VAL A 57 -17.22 -5.73 -1.75
CA VAL A 57 -17.12 -5.68 -0.30
C VAL A 57 -16.74 -7.07 0.16
N THR A 58 -15.56 -7.21 0.74
CA THR A 58 -14.94 -8.50 0.90
C THR A 58 -14.76 -8.85 2.36
N PRO A 59 -15.38 -9.93 2.86
CA PRO A 59 -15.15 -10.31 4.25
C PRO A 59 -13.72 -10.74 4.47
N PRO A 60 -13.20 -10.55 5.69
CA PRO A 60 -11.76 -10.76 5.91
C PRO A 60 -11.35 -12.20 5.79
N GLU A 61 -12.27 -13.14 5.96
CA GLU A 61 -11.93 -14.55 5.77
C GLU A 61 -11.76 -14.90 4.30
N GLU A 62 -12.23 -14.05 3.39
CA GLU A 62 -12.16 -14.28 1.94
C GLU A 62 -11.01 -13.53 1.28
N SER A 63 -10.23 -12.77 2.01
CA SER A 63 -9.07 -12.08 1.45
C SER A 63 -7.81 -12.57 2.16
N ASP A 64 -6.69 -12.43 1.46
CA ASP A 64 -5.39 -12.80 2.00
C ASP A 64 -4.90 -11.72 2.97
N TYR A 65 -3.68 -11.89 3.48
CA TYR A 65 -3.12 -11.07 4.55
C TYR A 65 -2.60 -9.71 4.07
N THR A 66 -2.71 -9.38 2.77
CA THR A 66 -2.26 -8.08 2.28
C THR A 66 -2.95 -6.99 3.09
N HIS A 67 -2.20 -6.04 3.61
CA HIS A 67 -2.78 -5.00 4.46
C HIS A 67 -1.91 -3.75 4.49
N TYR A 68 -2.50 -2.68 5.00
CA TYR A 68 -1.93 -1.34 4.95
C TYR A 68 -1.95 -0.78 6.36
N ALA A 69 -0.78 -0.48 6.90
CA ALA A 69 -0.66 0.00 8.27
C ALA A 69 -0.31 1.47 8.27
N PHE A 70 -0.96 2.21 9.15
CA PHE A 70 -0.74 3.64 9.34
C PHE A 70 -0.05 3.88 10.67
N SER A 71 0.87 4.83 10.67
CA SER A 71 1.61 5.16 11.89
C SER A 71 0.80 6.03 12.82
N ILE A 72 0.94 5.74 14.11
CA ILE A 72 0.35 6.52 15.19
C ILE A 72 1.30 6.47 16.36
N SER A 73 1.28 7.52 17.17
CA SER A 73 2.15 7.58 18.31
C SER A 73 1.66 6.69 19.43
N GLU A 74 2.61 6.35 20.32
CA GLU A 74 2.25 5.59 21.50
C GLU A 74 1.21 6.32 22.35
N ALA A 75 1.29 7.64 22.41
CA ALA A 75 0.34 8.40 23.23
C ALA A 75 -1.07 8.39 22.65
N ASP A 76 -1.22 8.29 21.33
CA ASP A 76 -2.52 8.37 20.69
C ASP A 76 -3.14 7.01 20.39
N PHE A 77 -2.35 5.93 20.40
CA PHE A 77 -2.77 4.64 19.86
C PHE A 77 -4.06 4.14 20.49
N ALA A 78 -4.09 4.01 21.82
CA ALA A 78 -5.20 3.32 22.46
C ALA A 78 -6.50 4.09 22.30
N SER A 79 -6.46 5.42 22.42
N SER A 79 -6.45 5.42 22.45
CA SER A 79 -7.72 6.13 22.32
CA SER A 79 -7.66 6.22 22.30
C SER A 79 -8.27 6.15 20.89
C SER A 79 -8.23 6.06 20.91
N PHE A 80 -7.37 6.12 19.89
CA PHE A 80 -7.81 6.04 18.50
C PHE A 80 -8.43 4.68 18.23
N ALA A 81 -7.77 3.60 18.67
CA ALA A 81 -8.35 2.27 18.52
C ALA A 81 -9.71 2.17 19.20
N ALA A 82 -9.82 2.71 20.42
CA ALA A 82 -11.08 2.57 21.14
C ALA A 82 -12.17 3.37 20.44
N ARG A 83 -11.83 4.51 19.85
CA ARG A 83 -12.81 5.27 19.10
C ARG A 83 -13.31 4.50 17.89
N LEU A 84 -12.39 3.87 17.13
CA LEU A 84 -12.83 3.04 16.01
C LEU A 84 -13.76 1.94 16.50
N GLU A 85 -13.42 1.29 17.63
CA GLU A 85 -14.27 0.23 18.17
C GLU A 85 -15.64 0.77 18.53
N ALA A 86 -15.68 1.91 19.22
CA ALA A 86 -16.97 2.44 19.62
C ALA A 86 -17.80 2.88 18.42
N ALA A 87 -17.15 3.24 17.32
CA ALA A 87 -17.85 3.61 16.09
C ALA A 87 -18.33 2.42 15.28
N GLY A 88 -18.04 1.21 15.74
CA GLY A 88 -18.53 0.02 15.07
C GLY A 88 -17.67 -0.46 13.93
N VAL A 89 -16.42 -0.02 13.83
CA VAL A 89 -15.56 -0.44 12.74
C VAL A 89 -15.20 -1.90 12.93
N ALA A 90 -15.41 -2.69 11.86
CA ALA A 90 -15.16 -4.12 11.88
C ALA A 90 -13.69 -4.41 11.97
N VAL A 91 -13.40 -5.60 12.47
CA VAL A 91 -12.01 -5.95 12.69
C VAL A 91 -11.67 -7.22 11.93
N TRP A 92 -10.39 -7.50 11.90
CA TRP A 92 -9.98 -8.71 11.22
C TRP A 92 -8.89 -9.44 11.95
N LYS A 93 -8.30 -8.89 12.99
CA LYS A 93 -7.25 -9.64 13.67
C LYS A 93 -7.11 -9.13 15.10
N LEU A 94 -6.83 -10.05 16.02
CA LEU A 94 -6.70 -9.69 17.43
C LEU A 94 -5.31 -9.93 18.02
N ASN A 95 -4.59 -10.94 17.54
CA ASN A 95 -3.31 -11.31 18.13
C ASN A 95 -2.21 -10.37 17.63
N ARG A 96 -1.48 -9.77 18.58
CA ARG A 96 -0.42 -8.81 18.24
C ARG A 96 0.85 -9.58 17.94
N SER A 97 0.98 -10.02 16.70
CA SER A 97 2.12 -10.79 16.27
C SER A 97 3.25 -9.91 15.73
N GLU A 98 3.05 -8.59 15.63
CA GLU A 98 4.07 -7.69 15.10
C GLU A 98 4.09 -6.39 15.89
N GLY A 99 3.91 -6.49 17.21
CA GLY A 99 3.97 -5.34 18.10
C GLY A 99 2.61 -4.74 18.37
N ALA A 100 2.64 -3.46 18.72
CA ALA A 100 1.43 -2.74 19.13
C ALA A 100 0.67 -2.32 17.88
N SER A 101 -0.42 -3.05 17.62
CA SER A 101 -1.20 -2.88 16.41
C SER A 101 -2.68 -3.09 16.71
N HIS A 102 -3.51 -2.38 15.94
CA HIS A 102 -4.96 -2.54 15.95
C HIS A 102 -5.38 -2.80 14.51
N TYR A 103 -6.06 -3.91 14.28
CA TYR A 103 -6.41 -4.35 12.93
C TYR A 103 -7.89 -4.10 12.63
N PHE A 104 -8.18 -3.34 11.58
CA PHE A 104 -9.55 -2.95 11.30
C PHE A 104 -9.78 -2.93 9.80
N LEU A 105 -11.05 -2.91 9.41
CA LEU A 105 -11.47 -2.97 8.02
C LEU A 105 -12.07 -1.65 7.56
N ASP A 106 -11.82 -1.31 6.30
CA ASP A 106 -12.52 -0.19 5.65
C ASP A 106 -13.84 -0.67 5.11
N PRO A 107 -14.65 0.23 4.54
CA PRO A 107 -16.01 -0.15 4.14
C PRO A 107 -16.06 -1.27 3.11
N ASP A 108 -15.03 -1.42 2.28
CA ASP A 108 -14.96 -2.49 1.29
C ASP A 108 -14.20 -3.70 1.77
N GLY A 109 -13.77 -3.73 3.03
CA GLY A 109 -12.99 -4.83 3.52
C GLY A 109 -11.50 -4.71 3.28
N HIS A 110 -11.00 -3.56 2.79
CA HIS A 110 -9.54 -3.40 2.77
C HIS A 110 -9.03 -3.57 4.19
N LYS A 111 -7.96 -4.34 4.34
CA LYS A 111 -7.38 -4.63 5.64
C LYS A 111 -6.42 -3.53 6.04
N LEU A 112 -6.76 -2.83 7.11
CA LEU A 112 -6.00 -1.72 7.63
C LEU A 112 -5.45 -2.04 9.01
N GLU A 113 -4.52 -1.21 9.46
CA GLU A 113 -3.86 -1.40 10.74
C GLU A 113 -3.40 -0.06 11.27
N LEU A 114 -3.51 0.15 12.58
CA LEU A 114 -2.78 1.18 13.30
C LEU A 114 -1.57 0.51 13.93
N HIS A 115 -0.37 1.08 13.75
CA HIS A 115 0.82 0.49 14.34
C HIS A 115 1.70 1.56 14.96
N VAL A 116 2.24 1.25 16.13
CA VAL A 116 3.21 2.08 16.83
C VAL A 116 4.59 1.47 16.60
N GLY A 117 5.47 2.21 15.93
CA GLY A 117 6.86 1.80 15.84
C GLY A 117 7.36 1.72 14.42
N SER A 118 8.67 1.91 14.27
CA SER A 118 9.35 1.86 13.00
C SER A 118 9.85 0.45 12.69
N LEU A 119 10.36 0.30 11.46
CA LEU A 119 11.03 -0.94 11.08
C LEU A 119 12.24 -1.21 11.97
N ALA A 120 13.05 -0.19 12.26
CA ALA A 120 14.19 -0.39 13.14
C ALA A 120 13.73 -0.91 14.50
N GLN A 121 12.65 -0.34 15.04
CA GLN A 121 12.16 -0.81 16.33
C GLN A 121 11.65 -2.23 16.26
N ARG A 122 11.00 -2.58 15.15
N ARG A 122 10.95 -2.55 15.17
CA ARG A 122 10.49 -3.95 15.02
CA ARG A 122 10.50 -3.91 14.95
C ARG A 122 11.64 -4.94 14.89
C ARG A 122 11.68 -4.87 14.97
N LEU A 123 12.72 -4.57 14.18
CA LEU A 123 13.87 -5.46 14.08
C LEU A 123 14.49 -5.67 15.45
N ALA A 124 14.62 -4.60 16.24
CA ALA A 124 15.18 -4.72 17.58
C ALA A 124 14.31 -5.61 18.46
N ALA A 125 12.98 -5.46 18.38
CA ALA A 125 12.12 -6.31 19.17
C ALA A 125 12.25 -7.76 18.73
N CYS A 126 12.37 -7.99 17.42
CA CYS A 126 12.48 -9.34 16.88
C CYS A 126 13.78 -10.02 17.28
N ARG A 127 14.85 -9.26 17.50
CA ARG A 127 16.07 -9.90 17.97
C ARG A 127 15.86 -10.60 19.30
N GLU A 128 15.01 -10.03 20.17
CA GLU A 128 14.72 -10.63 21.47
C GLU A 128 13.64 -11.69 21.37
N GLN A 129 12.66 -11.46 20.50
CA GLN A 129 11.51 -12.35 20.32
C GLN A 129 11.36 -12.58 18.83
N PRO A 130 12.24 -13.38 18.25
CA PRO A 130 12.24 -13.52 16.79
C PRO A 130 11.11 -14.39 16.30
N TYR A 131 10.69 -14.14 15.07
N TYR A 131 10.72 -14.15 15.06
CA TYR A 131 9.80 -15.05 14.39
CA TYR A 131 9.87 -15.09 14.37
C TYR A 131 10.57 -16.34 14.06
C TYR A 131 10.60 -16.41 14.23
N LYS A 132 9.86 -17.46 13.93
CA LYS A 132 10.48 -18.75 13.73
C LYS A 132 11.43 -18.73 12.53
N GLY A 133 12.68 -19.10 12.77
CA GLY A 133 13.65 -19.18 11.70
C GLY A 133 14.25 -17.86 11.26
N MET A 134 14.10 -16.82 12.07
CA MET A 134 14.47 -15.49 11.63
C MET A 134 15.98 -15.30 11.51
N VAL A 135 16.40 -14.66 10.42
N VAL A 135 16.39 -14.65 10.43
CA VAL A 135 17.76 -14.24 10.15
CA VAL A 135 17.77 -14.25 10.20
C VAL A 135 17.75 -12.74 9.84
C VAL A 135 17.75 -12.76 9.85
N PHE A 136 18.78 -12.05 10.29
CA PHE A 136 18.93 -10.61 10.13
C PHE A 136 20.12 -10.35 9.23
N PHE A 137 19.96 -9.42 8.30
CA PHE A 137 21.04 -9.06 7.39
C PHE A 137 21.61 -7.70 7.76
N MET B 1 -3.79 10.79 16.02
CA MET B 1 -3.62 11.33 14.63
C MET B 1 -2.68 10.45 13.86
N LEU B 2 -3.04 10.11 12.63
CA LEU B 2 -2.20 9.24 11.83
C LEU B 2 -1.13 10.08 11.14
N SER B 3 0.09 9.58 11.11
CA SER B 3 1.20 10.38 10.63
C SER B 3 1.83 9.91 9.33
N GLY B 4 1.35 8.83 8.73
CA GLY B 4 1.87 8.35 7.48
C GLY B 4 1.59 6.87 7.32
N LEU B 5 2.12 6.31 6.24
CA LEU B 5 2.08 4.86 6.04
C LEU B 5 3.18 4.23 6.88
N ASN B 6 2.80 3.34 7.78
CA ASN B 6 3.76 2.63 8.60
C ASN B 6 4.43 1.49 7.83
N HIS B 7 3.64 0.62 7.21
CA HIS B 7 4.18 -0.44 6.37
C HIS B 7 3.11 -0.91 5.40
N LEU B 8 3.59 -1.51 4.32
CA LEU B 8 2.79 -2.20 3.32
C LEU B 8 3.12 -3.68 3.43
N THR B 9 2.11 -4.53 3.64
CA THR B 9 2.30 -5.96 3.68
C THR B 9 1.63 -6.59 2.49
N LEU B 10 2.38 -7.38 1.74
CA LEU B 10 1.86 -8.13 0.60
C LEU B 10 1.86 -9.61 0.95
N ALA B 11 0.70 -10.25 0.82
CA ALA B 11 0.64 -11.68 0.92
C ALA B 11 1.25 -12.31 -0.32
N VAL B 12 2.08 -13.31 -0.11
CA VAL B 12 2.78 -13.98 -1.21
C VAL B 12 2.55 -15.49 -1.12
N SER B 13 2.52 -16.14 -2.28
CA SER B 13 2.30 -17.58 -2.31
C SER B 13 3.59 -18.37 -2.14
N GLN B 14 4.72 -17.82 -2.57
CA GLN B 14 6.02 -18.49 -2.50
C GLN B 14 7.05 -17.45 -2.10
N LEU B 15 7.71 -17.65 -0.96
CA LEU B 15 8.56 -16.60 -0.42
C LEU B 15 9.79 -16.36 -1.28
N ALA B 16 10.46 -17.40 -1.74
CA ALA B 16 11.72 -17.18 -2.46
C ALA B 16 11.55 -16.39 -3.75
N PRO B 17 10.58 -16.67 -4.63
CA PRO B 17 10.44 -15.82 -5.81
C PRO B 17 10.03 -14.41 -5.49
N SER B 18 9.28 -14.20 -4.40
CA SER B 18 8.90 -12.83 -4.07
C SER B 18 10.11 -12.05 -3.53
N VAL B 19 10.94 -12.68 -2.70
CA VAL B 19 12.19 -12.03 -2.29
C VAL B 19 13.07 -11.73 -3.49
N ALA B 20 13.20 -12.68 -4.43
CA ALA B 20 14.00 -12.42 -5.61
C ALA B 20 13.48 -11.20 -6.37
N PHE B 21 12.16 -11.12 -6.52
CA PHE B 21 11.55 -10.02 -7.26
C PHE B 21 11.81 -8.68 -6.58
N TYR B 22 11.49 -8.56 -5.29
CA TYR B 22 11.60 -7.26 -4.64
C TYR B 22 13.04 -6.88 -4.34
N GLN B 23 13.86 -7.83 -3.87
CA GLN B 23 15.25 -7.52 -3.57
C GLN B 23 16.10 -7.43 -4.84
N GLN B 24 16.16 -8.51 -5.62
CA GLN B 24 17.11 -8.56 -6.73
C GLN B 24 16.62 -7.79 -7.95
N LEU B 25 15.39 -8.02 -8.42
CA LEU B 25 14.93 -7.32 -9.60
C LEU B 25 14.65 -5.86 -9.30
N LEU B 26 13.91 -5.57 -8.22
N LEU B 26 13.92 -5.58 -8.21
CA LEU B 26 13.54 -4.18 -7.95
CA LEU B 26 13.53 -4.20 -7.95
C LEU B 26 14.60 -3.41 -7.18
C LEU B 26 14.50 -3.43 -7.06
N GLY B 27 15.54 -4.09 -6.53
CA GLY B 27 16.60 -3.42 -5.82
C GLY B 27 16.31 -2.99 -4.41
N MET B 28 15.26 -3.50 -3.79
CA MET B 28 14.97 -3.15 -2.41
C MET B 28 15.94 -3.83 -1.45
N THR B 29 16.06 -3.24 -0.26
CA THR B 29 17.00 -3.74 0.73
C THR B 29 16.33 -4.79 1.62
N LEU B 30 16.91 -5.99 1.68
CA LEU B 30 16.40 -7.06 2.54
C LEU B 30 17.01 -6.95 3.94
N HIS B 31 16.18 -6.73 4.94
CA HIS B 31 16.65 -6.60 6.31
C HIS B 31 16.55 -7.88 7.12
N ALA B 32 15.53 -8.69 6.88
CA ALA B 32 15.36 -9.90 7.67
C ALA B 32 14.44 -10.83 6.90
N ARG B 33 14.56 -12.12 7.19
CA ARG B 33 13.66 -13.10 6.64
C ARG B 33 13.46 -14.19 7.68
N TRP B 34 12.29 -14.81 7.63
CA TRP B 34 11.97 -15.89 8.55
C TRP B 34 11.19 -16.93 7.77
N ASP B 35 10.79 -18.00 8.44
CA ASP B 35 10.20 -19.11 7.71
C ASP B 35 8.95 -18.68 6.95
N SER B 36 8.24 -17.64 7.40
CA SER B 36 7.00 -17.24 6.76
C SER B 36 6.97 -15.77 6.34
N GLY B 37 8.11 -15.12 6.16
CA GLY B 37 8.04 -13.76 5.66
C GLY B 37 9.39 -13.11 5.50
N ALA B 38 9.35 -11.83 5.12
CA ALA B 38 10.55 -11.04 5.00
C ALA B 38 10.22 -9.56 5.22
N TYR B 39 11.21 -8.82 5.68
CA TYR B 39 11.13 -7.36 5.78
C TYR B 39 12.15 -6.74 4.84
N LEU B 40 11.68 -5.79 4.00
CA LEU B 40 12.50 -5.02 3.09
C LEU B 40 12.21 -3.54 3.29
N SER B 41 13.13 -2.72 2.81
CA SER B 41 12.87 -1.29 2.73
C SER B 41 13.15 -0.79 1.32
N CYS B 42 12.46 0.27 0.97
CA CYS B 42 12.60 0.98 -0.30
C CYS B 42 12.48 2.45 0.06
N GLY B 43 13.59 3.16 0.20
CA GLY B 43 13.49 4.50 0.79
C GLY B 43 12.84 4.42 2.16
N ASP B 44 11.84 5.27 2.40
N ASP B 44 11.84 5.27 2.40
CA ASP B 44 11.13 5.26 3.66
CA ASP B 44 11.11 5.28 3.66
C ASP B 44 9.97 4.28 3.69
C ASP B 44 10.13 4.12 3.78
N LEU B 45 9.83 3.41 2.69
CA LEU B 45 8.84 2.36 2.74
C LEU B 45 9.35 1.12 3.45
N TRP B 46 8.60 0.68 4.44
CA TRP B 46 8.76 -0.62 5.07
C TRP B 46 7.81 -1.57 4.38
N LEU B 47 8.37 -2.56 3.70
CA LEU B 47 7.62 -3.58 2.99
C LEU B 47 7.76 -4.90 3.74
N CYS B 48 6.63 -5.55 3.97
N CYS B 48 6.62 -5.55 3.97
CA CYS B 48 6.62 -6.90 4.52
CA CYS B 48 6.57 -6.90 4.51
C CYS B 48 6.05 -7.84 3.48
C CYS B 48 6.05 -7.83 3.43
N LEU B 49 6.76 -8.94 3.21
CA LEU B 49 6.26 -10.05 2.43
C LEU B 49 5.82 -11.11 3.42
N SER B 50 4.57 -11.52 3.35
CA SER B 50 4.01 -12.49 4.29
C SER B 50 3.56 -13.73 3.52
N LEU B 51 4.21 -14.87 3.81
CA LEU B 51 3.85 -16.11 3.15
C LEU B 51 2.45 -16.51 3.58
N ASP B 52 1.55 -16.68 2.63
CA ASP B 52 0.14 -16.90 2.94
C ASP B 52 -0.44 -17.93 2.00
N PRO B 53 -0.83 -19.12 2.46
N PRO B 53 -0.80 -19.11 2.50
CA PRO B 53 -1.37 -20.11 1.52
CA PRO B 53 -1.50 -20.10 1.67
C PRO B 53 -2.67 -19.68 0.87
C PRO B 53 -2.83 -19.61 1.12
N GLN B 54 -3.36 -18.70 1.45
N GLN B 54 -3.34 -18.48 1.61
CA GLN B 54 -4.56 -18.13 0.85
CA GLN B 54 -4.54 -17.89 1.04
C GLN B 54 -4.27 -17.18 -0.30
C GLN B 54 -4.25 -17.25 -0.31
N ARG B 55 -3.03 -16.80 -0.55
CA ARG B 55 -2.75 -15.96 -1.71
C ARG B 55 -2.89 -16.76 -2.99
N ARG B 56 -3.71 -16.27 -3.90
N ARG B 56 -3.73 -16.27 -3.90
CA ARG B 56 -3.86 -16.84 -5.23
CA ARG B 56 -3.88 -16.81 -5.24
C ARG B 56 -3.04 -16.04 -6.22
C ARG B 56 -3.01 -16.02 -6.22
N VAL B 57 -2.39 -16.72 -7.16
CA VAL B 57 -1.72 -16.04 -8.26
C VAL B 57 -2.83 -15.52 -9.16
N THR B 58 -3.01 -14.20 -9.18
CA THR B 58 -4.26 -13.63 -9.65
C THR B 58 -4.07 -12.89 -10.96
N PRO B 59 -4.73 -13.31 -12.04
CA PRO B 59 -4.64 -12.55 -13.28
C PRO B 59 -5.16 -11.15 -13.09
N PRO B 60 -4.64 -10.17 -13.86
CA PRO B 60 -5.04 -8.78 -13.62
C PRO B 60 -6.49 -8.49 -13.98
N GLU B 61 -7.08 -9.25 -14.90
CA GLU B 61 -8.51 -9.09 -15.19
C GLU B 61 -9.38 -9.53 -14.03
N GLU B 62 -8.83 -10.27 -13.07
CA GLU B 62 -9.59 -10.81 -11.96
C GLU B 62 -9.38 -10.07 -10.64
N SER B 63 -8.59 -9.01 -10.65
CA SER B 63 -8.44 -8.17 -9.47
C SER B 63 -8.91 -6.77 -9.80
N ASP B 64 -9.26 -6.03 -8.75
CA ASP B 64 -9.68 -4.65 -8.90
C ASP B 64 -8.45 -3.74 -9.06
N TYR B 65 -8.69 -2.43 -9.12
CA TYR B 65 -7.68 -1.44 -9.47
C TYR B 65 -6.76 -1.09 -8.30
N THR B 66 -6.93 -1.69 -7.13
CA THR B 66 -6.03 -1.42 -6.03
C THR B 66 -4.59 -1.67 -6.47
N HIS B 67 -3.70 -0.71 -6.22
CA HIS B 67 -2.33 -0.86 -6.68
C HIS B 67 -1.37 0.00 -5.86
N TYR B 68 -0.09 -0.32 -6.01
CA TYR B 68 1.00 0.23 -5.21
C TYR B 68 2.04 0.82 -6.15
N ALA B 69 2.23 2.13 -6.07
CA ALA B 69 3.15 2.84 -6.93
C ALA B 69 4.42 3.20 -6.20
N PHE B 70 5.57 2.92 -6.81
CA PHE B 70 6.88 3.28 -6.27
C PHE B 70 7.46 4.49 -6.98
N SER B 71 8.14 5.35 -6.24
CA SER B 71 8.76 6.51 -6.83
C SER B 71 10.09 6.19 -7.51
N ILE B 72 10.31 6.83 -8.65
CA ILE B 72 11.56 6.77 -9.39
C ILE B 72 11.75 8.12 -10.06
N SER B 73 12.99 8.51 -10.31
CA SER B 73 13.19 9.76 -11.01
C SER B 73 12.88 9.60 -12.49
N GLU B 74 12.56 10.72 -13.14
CA GLU B 74 12.39 10.71 -14.59
C GLU B 74 13.62 10.16 -15.28
N ALA B 75 14.80 10.55 -14.82
CA ALA B 75 16.03 10.14 -15.50
C ALA B 75 16.23 8.64 -15.42
N ASP B 76 15.74 7.98 -14.37
CA ASP B 76 15.95 6.54 -14.22
C ASP B 76 14.80 5.69 -14.77
N PHE B 77 13.67 6.32 -15.07
CA PHE B 77 12.44 5.59 -15.40
C PHE B 77 12.64 4.62 -16.57
N ALA B 78 13.16 5.10 -17.71
CA ALA B 78 13.14 4.28 -18.91
C ALA B 78 14.04 3.05 -18.75
N SER B 79 15.19 3.20 -18.09
N SER B 79 15.20 3.22 -18.12
CA SER B 79 16.07 2.04 -17.96
CA SER B 79 16.09 2.09 -17.89
C SER B 79 15.49 1.03 -16.96
C SER B 79 15.41 1.05 -17.02
N PHE B 80 14.73 1.50 -15.96
CA PHE B 80 14.13 0.56 -15.02
C PHE B 80 12.99 -0.18 -15.72
N ALA B 81 12.18 0.54 -16.50
CA ALA B 81 11.15 -0.14 -17.26
C ALA B 81 11.76 -1.18 -18.20
N ALA B 82 12.88 -0.84 -18.84
CA ALA B 82 13.52 -1.78 -19.76
C ALA B 82 14.05 -3.01 -19.03
N ARG B 83 14.50 -2.83 -17.79
CA ARG B 83 14.92 -3.95 -16.95
C ARG B 83 13.77 -4.89 -16.67
N LEU B 84 12.63 -4.34 -16.29
CA LEU B 84 11.44 -5.16 -16.05
C LEU B 84 11.03 -5.90 -17.31
N GLU B 85 11.09 -5.21 -18.46
N GLU B 85 11.08 -5.21 -18.46
CA GLU B 85 10.73 -5.85 -19.73
CA GLU B 85 10.72 -5.86 -19.71
C GLU B 85 11.71 -6.97 -20.07
C GLU B 85 11.70 -6.99 -20.04
N ALA B 86 13.01 -6.75 -19.84
CA ALA B 86 13.98 -7.80 -20.13
C ALA B 86 13.71 -9.03 -19.28
N ALA B 87 13.30 -8.82 -18.02
CA ALA B 87 12.97 -9.91 -17.12
C ALA B 87 11.61 -10.55 -17.41
N GLY B 88 10.88 -10.05 -18.40
CA GLY B 88 9.62 -10.65 -18.76
C GLY B 88 8.48 -10.30 -17.84
N VAL B 89 8.59 -9.20 -17.09
CA VAL B 89 7.53 -8.83 -16.17
C VAL B 89 6.35 -8.29 -16.95
N ALA B 90 5.17 -8.81 -16.66
CA ALA B 90 3.96 -8.41 -17.38
C ALA B 90 3.47 -7.02 -17.02
N VAL B 91 2.91 -6.33 -18.03
CA VAL B 91 2.29 -5.02 -17.89
C VAL B 91 0.78 -5.21 -17.84
N TRP B 92 0.11 -4.47 -16.96
CA TRP B 92 -1.33 -4.58 -16.79
C TRP B 92 -2.13 -3.38 -17.30
N LYS B 93 -1.48 -2.30 -17.73
CA LYS B 93 -2.15 -1.07 -18.16
C LYS B 93 -1.12 -0.23 -18.89
N LEU B 94 -1.57 0.57 -19.88
CA LEU B 94 -0.76 1.62 -20.48
C LEU B 94 -0.99 2.95 -19.78
N ASN B 95 0.03 3.79 -19.75
CA ASN B 95 -0.10 5.13 -19.16
C ASN B 95 -0.89 6.07 -20.06
N ARG B 96 -1.90 6.74 -19.45
CA ARG B 96 -2.70 7.78 -20.10
C ARG B 96 -2.89 9.01 -19.22
N SER B 97 -2.12 9.15 -18.13
N SER B 97 -2.06 9.21 -18.19
CA SER B 97 -2.25 10.27 -17.19
CA SER B 97 -2.25 10.33 -17.28
C SER B 97 -0.95 11.08 -17.16
C SER B 97 -0.89 10.95 -16.98
N GLU B 98 -0.92 12.13 -16.34
CA GLU B 98 0.28 12.96 -16.26
C GLU B 98 1.35 12.28 -15.42
N GLY B 99 2.59 12.49 -15.82
CA GLY B 99 3.71 11.87 -15.16
C GLY B 99 3.93 10.48 -15.71
N ALA B 100 5.19 10.15 -15.95
CA ALA B 100 5.53 8.82 -16.42
C ALA B 100 5.01 7.77 -15.45
N SER B 101 4.46 6.68 -16.00
CA SER B 101 3.99 5.56 -15.21
C SER B 101 4.19 4.28 -15.99
N HIS B 102 4.68 3.25 -15.32
CA HIS B 102 4.86 1.90 -15.88
C HIS B 102 4.08 0.95 -14.95
N TYR B 103 3.10 0.24 -15.49
CA TYR B 103 2.20 -0.58 -14.69
C TYR B 103 2.54 -2.06 -14.86
N PHE B 104 3.03 -2.69 -13.78
CA PHE B 104 3.58 -4.03 -13.89
C PHE B 104 3.08 -4.90 -12.75
N LEU B 105 3.18 -6.22 -12.95
CA LEU B 105 2.66 -7.20 -11.99
C LEU B 105 3.77 -7.90 -11.25
N ASP B 106 3.56 -8.16 -9.96
CA ASP B 106 4.46 -9.00 -9.18
C ASP B 106 4.14 -10.47 -9.43
N PRO B 107 4.95 -11.38 -8.88
CA PRO B 107 4.75 -12.80 -9.19
C PRO B 107 3.39 -13.36 -8.83
N ASP B 108 2.70 -12.77 -7.86
CA ASP B 108 1.37 -13.20 -7.45
C ASP B 108 0.26 -12.37 -8.07
N GLY B 109 0.60 -11.43 -8.95
CA GLY B 109 -0.38 -10.57 -9.56
C GLY B 109 -0.68 -9.32 -8.78
N HIS B 110 0.08 -9.00 -7.73
CA HIS B 110 -0.10 -7.68 -7.12
C HIS B 110 0.17 -6.63 -8.19
N LYS B 111 -0.72 -5.63 -8.24
CA LYS B 111 -0.61 -4.55 -9.22
C LYS B 111 0.33 -3.47 -8.70
N LEU B 112 1.42 -3.27 -9.44
CA LEU B 112 2.46 -2.33 -9.10
C LEU B 112 2.57 -1.25 -10.18
N GLU B 113 3.25 -0.17 -9.84
CA GLU B 113 3.45 0.94 -10.75
C GLU B 113 4.77 1.60 -10.41
N LEU B 114 5.50 2.04 -11.44
CA LEU B 114 6.54 3.04 -11.28
C LEU B 114 5.93 4.37 -11.66
N HIS B 115 6.05 5.39 -10.83
CA HIS B 115 5.53 6.71 -11.17
C HIS B 115 6.54 7.80 -10.85
N VAL B 116 6.59 8.77 -11.74
CA VAL B 116 7.33 10.01 -11.59
C VAL B 116 6.35 11.14 -11.33
N GLY B 117 6.44 11.75 -10.16
CA GLY B 117 5.61 12.89 -9.84
C GLY B 117 4.92 12.76 -8.52
N SER B 118 4.76 13.88 -7.85
CA SER B 118 4.16 13.99 -6.53
C SER B 118 2.67 14.29 -6.59
N LEU B 119 2.04 14.21 -5.42
CA LEU B 119 0.66 14.67 -5.28
C LEU B 119 0.55 16.13 -5.68
N ALA B 120 1.49 16.97 -5.24
CA ALA B 120 1.44 18.39 -5.59
C ALA B 120 1.45 18.58 -7.10
N GLN B 121 2.26 17.81 -7.81
CA GLN B 121 2.32 17.92 -9.26
C GLN B 121 1.00 17.51 -9.88
N ARG B 122 0.42 16.42 -9.38
CA ARG B 122 -0.88 15.98 -9.89
C ARG B 122 -1.96 17.01 -9.64
N LEU B 123 -1.99 17.60 -8.43
CA LEU B 123 -3.02 18.59 -8.12
C LEU B 123 -2.88 19.82 -9.00
N ALA B 124 -1.63 20.24 -9.29
CA ALA B 124 -1.43 21.39 -10.15
C ALA B 124 -1.96 21.12 -11.56
N ALA B 125 -1.70 19.92 -12.07
CA ALA B 125 -2.22 19.56 -13.40
C ALA B 125 -3.74 19.52 -13.38
N CYS B 126 -4.32 18.96 -12.32
CA CYS B 126 -5.77 18.89 -12.19
C CYS B 126 -6.41 20.27 -12.08
N ARG B 127 -5.77 21.22 -11.41
N ARG B 127 -5.77 21.20 -11.38
CA ARG B 127 -6.37 22.54 -11.30
CA ARG B 127 -6.35 22.54 -11.30
C ARG B 127 -6.44 23.21 -12.66
C ARG B 127 -6.49 23.13 -12.70
N GLU B 128 -5.49 22.90 -13.56
CA GLU B 128 -5.52 23.45 -14.91
C GLU B 128 -6.53 22.72 -15.78
N GLN B 129 -6.75 21.43 -15.55
CA GLN B 129 -7.60 20.61 -16.40
C GLN B 129 -8.36 19.65 -15.50
N PRO B 130 -9.40 20.14 -14.82
CA PRO B 130 -10.05 19.32 -13.78
C PRO B 130 -10.78 18.14 -14.40
N TYR B 131 -10.73 17.02 -13.69
CA TYR B 131 -11.52 15.86 -14.06
C TYR B 131 -13.00 16.18 -13.88
N LYS B 132 -13.84 15.34 -14.48
CA LYS B 132 -15.29 15.55 -14.41
C LYS B 132 -15.77 15.51 -12.96
N GLY B 133 -16.45 16.58 -12.57
CA GLY B 133 -16.95 16.69 -11.23
C GLY B 133 -15.94 17.09 -10.19
N MET B 134 -14.76 17.56 -10.58
CA MET B 134 -13.70 17.78 -9.62
C MET B 134 -13.91 19.04 -8.78
N VAL B 135 -13.70 18.85 -7.48
N VAL B 135 -13.73 18.88 -7.48
CA VAL B 135 -13.77 19.86 -6.44
CA VAL B 135 -13.71 20.00 -6.56
C VAL B 135 -12.45 19.78 -5.68
C VAL B 135 -12.54 19.83 -5.62
N PHE B 136 -11.94 20.95 -5.27
CA PHE B 136 -10.73 21.05 -4.47
C PHE B 136 -11.07 21.54 -3.08
N PHE B 137 -10.23 21.17 -2.12
CA PHE B 137 -10.43 21.52 -0.72
C PHE B 137 -9.17 22.14 -0.16
C10 UID C . -19.57 16.80 -1.23
C11 UID C . -20.95 16.63 -1.18
C13 UID C . -21.60 16.17 -2.33
C14 UID C . -20.89 15.90 -3.48
C01 UID C . -20.25 12.13 -8.51
C02 UID C . -20.09 13.27 -7.58
C04 UID C . -18.40 14.89 -6.99
C06 UID C . -19.26 15.12 -5.82
C07 UID C . -18.78 15.75 -4.75
C08 UID C . -19.51 16.06 -3.53
C09 UID C . -18.86 16.53 -2.39
N12 UID C . -21.64 16.92 -0.05
O03 UID C . -18.83 13.94 -7.86
O05 UID C . -17.37 15.48 -7.20
H1 UID C . -19.08 17.12 -0.44
H2 UID C . -22.57 16.05 -2.32
H3 UID C . -21.38 15.57 -4.27
H4 UID C . -19.50 11.52 -8.44
H5 UID C . -21.08 11.64 -8.32
H6 UID C . -20.30 12.45 -9.44
H7 UID C . -20.84 13.89 -7.69
H8 UID C . -20.09 12.93 -6.66
H9 UID C . -20.18 14.80 -5.87
H10 UID C . -17.84 16.05 -4.76
H11 UID C . -17.89 16.65 -2.38
H12 UID C . -21.23 17.21 0.66
H13 UID C . -22.52 16.82 -0.04
C10 UID D . -14.78 10.51 13.59
C11 UID D . -14.95 10.92 14.91
C13 UID D . -16.16 10.61 15.55
C14 UID D . -17.15 9.92 14.88
C01 UID D . -17.42 7.00 7.31
C02 UID D . -17.10 8.10 8.26
C04 UID D . -17.51 8.66 10.54
C06 UID D . -18.25 8.23 11.74
C07 UID D . -18.03 8.63 13.00
C08 UID D . -16.99 9.51 13.56
C09 UID D . -15.79 9.83 12.93
N12 UID D . -13.95 11.57 15.59
O03 UID D . -17.75 7.81 9.53
O05 UID D . -16.85 9.66 10.43
H1 UID D . -13.95 10.71 13.12
H2 UID D . -16.31 10.88 16.48
H3 UID D . -17.99 9.73 15.35
H4 UID D . -18.33 6.68 7.46
H5 UID D . -17.36 7.31 6.39
H6 UID D . -16.80 6.24 7.43
H7 UID D . -16.12 8.15 8.39
H8 UID D . -17.43 8.95 7.91
H9 UID D . -18.95 7.58 11.56
H10 UID D . -18.66 8.32 13.68
H11 UID D . -15.63 9.57 11.99
H12 UID D . -13.20 11.77 15.18
H13 UID D . -14.06 11.81 16.43
C1 EDO E . -11.61 1.82 -12.06
O1 EDO E . -11.10 2.26 -10.81
C2 EDO E . -10.51 1.72 -13.08
O2 EDO E . -9.72 2.89 -13.06
H11 EDO E . -12.28 2.44 -12.39
H12 EDO E . -12.05 0.96 -11.98
HO1 EDO E . -11.74 2.28 -10.26
H21 EDO E . -10.93 1.56 -13.95
H22 EDO E . -10.00 0.91 -12.89
HO2 EDO E . -9.13 2.81 -13.66
MN MN F . 1.01 -5.14 9.72
S DMS G . 12.45 3.20 6.77
O DMS G . 12.18 3.30 8.25
C1 DMS G . 11.31 1.90 6.28
C2 DMS G . 13.92 2.18 6.52
H11 DMS G . 10.41 2.26 6.16
H12 DMS G . 11.28 1.20 6.97
H13 DMS G . 11.60 1.50 5.44
H21 DMS G . 14.64 2.53 7.06
H22 DMS G . 14.18 2.20 5.58
H23 DMS G . 13.73 1.27 6.78
MN MN H . -1.37 4.88 -9.78
#